data_7QZ0
#
_entry.id   7QZ0
#
_cell.length_a   94.627
_cell.length_b   94.627
_cell.length_c   33.008
_cell.angle_alpha   90.000
_cell.angle_beta   90.000
_cell.angle_gamma   120.000
#
_symmetry.space_group_name_H-M   'P 31 2 1'
#
loop_
_entity.id
_entity.type
_entity.pdbx_description
1 polymer 'Bromodomain adjacent to zinc finger domain protein 2A'
2 non-polymer 2-[4-(3-methyl-4-oxidanylidene-2,5,6,7-tetrahydroisoindol-1-yl)-1,3-thiazol-2-yl]guanidine
3 non-polymer 'MAGNESIUM ION'
4 water water
#
_entity_poly.entity_id   1
_entity_poly.type   'polypeptide(L)'
_entity_poly.pdbx_seq_one_letter_code
;SMHSDLTFCEIILMEMESHDAAWPFLEPVNPRLVSGYRRIIKNPMDFSTMRHRLSRGGYTSSEEFAADALLVFDNCQTFN
EDDSEVGKAGHIMRRFFESRWEEFY
;
_entity_poly.pdbx_strand_id   A
#
# COMPACT_ATOMS: atom_id res chain seq x y z
N HIS A 3 17.79 10.07 7.52
CA HIS A 3 17.68 8.74 8.12
C HIS A 3 16.37 8.60 8.87
N SER A 4 16.13 9.52 9.82
CA SER A 4 14.91 9.48 10.61
C SER A 4 13.67 9.56 9.72
N ASP A 5 13.80 10.06 8.50
CA ASP A 5 12.70 9.99 7.55
C ASP A 5 12.39 8.53 7.20
N LEU A 6 13.41 7.72 6.94
CA LEU A 6 13.17 6.36 6.50
C LEU A 6 12.98 5.38 7.64
N THR A 7 13.47 5.68 8.85
CA THR A 7 13.17 4.82 10.00
C THR A 7 11.68 4.85 10.33
N PHE A 8 11.03 6.00 10.16
CA PHE A 8 9.58 6.02 10.34
C PHE A 8 8.88 5.18 9.28
N CYS A 9 9.40 5.17 8.05
CA CYS A 9 8.82 4.33 7.00
C CYS A 9 8.94 2.85 7.33
N GLU A 10 10.06 2.44 7.90
CA GLU A 10 10.21 1.06 8.34
C GLU A 10 9.14 0.71 9.38
N ILE A 11 8.88 1.62 10.31
CA ILE A 11 7.89 1.34 11.36
C ILE A 11 6.50 1.21 10.74
N ILE A 12 6.14 2.13 9.87
CA ILE A 12 4.77 2.12 9.34
C ILE A 12 4.58 0.94 8.39
N LEU A 13 5.60 0.58 7.61
CA LEU A 13 5.46 -0.55 6.71
C LEU A 13 5.35 -1.86 7.46
N MET A 14 6.18 -2.02 8.50
CA MET A 14 6.08 -3.18 9.37
C MET A 14 4.69 -3.29 9.98
N GLU A 15 4.13 -2.17 10.42
CA GLU A 15 2.81 -2.22 11.02
C GLU A 15 1.72 -2.46 9.99
N MET A 16 1.89 -1.97 8.76
CA MET A 16 0.91 -2.33 7.74
C MET A 16 1.05 -3.79 7.35
N GLU A 17 2.27 -4.30 7.23
CA GLU A 17 2.47 -5.69 6.84
C GLU A 17 1.81 -6.66 7.82
N SER A 18 1.76 -6.30 9.11
CA SER A 18 1.22 -7.19 10.14
C SER A 18 -0.26 -6.93 10.44
N HIS A 19 -0.85 -5.91 9.82
CA HIS A 19 -2.24 -5.56 10.10
C HIS A 19 -3.19 -6.65 9.65
N ASP A 20 -4.27 -6.86 10.41
CA ASP A 20 -5.30 -7.84 10.04
C ASP A 20 -5.90 -7.56 8.66
N ALA A 21 -6.03 -6.30 8.28
CA ALA A 21 -6.64 -5.96 6.99
C ALA A 21 -5.64 -5.92 5.84
N ALA A 22 -4.40 -6.35 6.06
CA ALA A 22 -3.37 -6.23 5.04
C ALA A 22 -3.44 -7.33 4.01
N TRP A 23 -4.25 -8.36 4.24
CA TRP A 23 -4.24 -9.54 3.38
C TRP A 23 -4.38 -9.26 1.89
N PRO A 24 -5.15 -8.26 1.41
CA PRO A 24 -5.19 -8.05 -0.06
C PRO A 24 -3.92 -7.49 -0.63
N PHE A 25 -3.06 -6.88 0.20
CA PHE A 25 -2.00 -6.01 -0.29
C PHE A 25 -0.60 -6.55 -0.03
N LEU A 26 -0.48 -7.78 0.43
CA LEU A 26 0.84 -8.31 0.78
C LEU A 26 1.65 -8.73 -0.45
N GLU A 27 1.00 -8.99 -1.57
CA GLU A 27 1.66 -9.45 -2.78
C GLU A 27 1.03 -8.74 -3.96
N PRO A 28 1.75 -8.64 -5.09
CA PRO A 28 1.15 -8.06 -6.29
C PRO A 28 -0.10 -8.82 -6.69
N VAL A 29 -1.13 -8.09 -7.12
CA VAL A 29 -2.28 -8.74 -7.71
C VAL A 29 -1.84 -9.55 -8.91
N ASN A 30 -2.34 -10.78 -9.02
CA ASN A 30 -2.04 -11.62 -10.17
C ASN A 30 -3.10 -11.35 -11.22
N PRO A 31 -2.77 -10.63 -12.30
CA PRO A 31 -3.81 -10.26 -13.28
C PRO A 31 -4.39 -11.46 -14.03
N ARG A 32 -3.65 -12.56 -14.11
CA ARG A 32 -4.23 -13.79 -14.67
C ARG A 32 -5.46 -14.24 -13.91
N LEU A 33 -5.59 -13.84 -12.65
CA LEU A 33 -6.69 -14.29 -11.81
C LEU A 33 -7.80 -13.26 -11.68
N VAL A 34 -7.58 -12.03 -12.15
CA VAL A 34 -8.47 -10.92 -11.90
C VAL A 34 -8.80 -10.29 -13.25
N SER A 35 -9.98 -10.63 -13.78
CA SER A 35 -10.37 -10.10 -15.08
C SER A 35 -10.42 -8.58 -15.06
N GLY A 36 -9.77 -7.96 -16.04
CA GLY A 36 -9.80 -6.52 -16.23
C GLY A 36 -8.79 -5.73 -15.44
N TYR A 37 -7.96 -6.39 -14.62
CA TYR A 37 -7.10 -5.65 -13.71
C TYR A 37 -5.99 -4.93 -14.45
N ARG A 38 -5.37 -5.60 -15.41
CA ARG A 38 -4.29 -5.02 -16.19
C ARG A 38 -4.80 -3.86 -17.03
N ARG A 39 -6.03 -4.00 -17.55
CA ARG A 39 -6.63 -2.93 -18.34
C ARG A 39 -6.90 -1.68 -17.51
N ILE A 40 -7.33 -1.84 -16.26
CA ILE A 40 -7.83 -0.70 -15.47
C ILE A 40 -6.73 -0.09 -14.60
N ILE A 41 -5.83 -0.89 -14.02
CA ILE A 41 -4.82 -0.39 -13.08
C ILE A 41 -3.52 -0.24 -13.84
N LYS A 42 -3.14 1.02 -14.13
CA LYS A 42 -1.94 1.27 -14.92
C LYS A 42 -0.66 1.09 -14.10
N ASN A 43 -0.69 1.40 -12.81
CA ASN A 43 0.52 1.37 -11.97
C ASN A 43 0.25 0.56 -10.71
N PRO A 44 0.40 -0.76 -10.80
CA PRO A 44 0.15 -1.61 -9.63
C PRO A 44 1.15 -1.33 -8.52
N MET A 45 0.70 -1.53 -7.28
CA MET A 45 1.60 -1.37 -6.14
C MET A 45 1.07 -2.20 -5.00
N ASP A 46 1.98 -2.70 -4.16
CA ASP A 46 1.62 -3.56 -3.05
C ASP A 46 2.72 -3.49 -1.99
N PHE A 47 2.47 -4.11 -0.85
CA PHE A 47 3.38 -3.92 0.28
C PHE A 47 4.71 -4.62 0.06
N SER A 48 4.71 -5.78 -0.62
CA SER A 48 5.98 -6.48 -0.83
C SER A 48 6.88 -5.73 -1.79
N THR A 49 6.30 -5.03 -2.78
CA THR A 49 7.10 -4.20 -3.68
C THR A 49 7.69 -3.01 -2.93
N MET A 50 6.94 -2.43 -1.99
CA MET A 50 7.48 -1.35 -1.17
C MET A 50 8.60 -1.85 -0.27
N ARG A 51 8.40 -3.00 0.39
CA ARG A 51 9.44 -3.59 1.22
C ARG A 51 10.71 -3.82 0.41
N HIS A 52 10.58 -4.38 -0.78
CA HIS A 52 11.73 -4.62 -1.64
C HIS A 52 12.44 -3.31 -1.98
N ARG A 53 11.68 -2.29 -2.36
CA ARG A 53 12.31 -1.02 -2.70
C ARG A 53 12.94 -0.37 -1.48
N LEU A 54 12.29 -0.51 -0.32
CA LEU A 54 12.88 0.01 0.91
C LEU A 54 14.17 -0.72 1.26
N SER A 55 14.19 -2.04 1.03
CA SER A 55 15.39 -2.84 1.32
C SER A 55 16.58 -2.43 0.47
N ARG A 56 16.36 -2.10 -0.80
CA ARG A 56 17.41 -1.55 -1.64
C ARG A 56 17.70 -0.09 -1.32
N GLY A 57 16.92 0.54 -0.45
CA GLY A 57 17.07 1.96 -0.19
C GLY A 57 16.62 2.84 -1.32
N GLY A 58 15.70 2.36 -2.17
CA GLY A 58 15.28 3.10 -3.36
C GLY A 58 14.27 4.19 -3.07
N TYR A 59 14.15 4.59 -1.81
CA TYR A 59 13.32 5.73 -1.43
C TYR A 59 14.23 6.87 -1.01
N THR A 60 14.25 7.94 -1.81
CA THR A 60 15.03 9.13 -1.47
C THR A 60 14.52 9.77 -0.20
N SER A 61 13.21 9.88 -0.05
CA SER A 61 12.59 10.64 1.02
C SER A 61 11.34 9.90 1.46
N SER A 62 10.77 10.35 2.59
CA SER A 62 9.54 9.76 3.07
C SER A 62 8.36 10.05 2.15
N GLU A 63 8.40 11.14 1.37
CA GLU A 63 7.26 11.43 0.50
C GLU A 63 7.16 10.45 -0.67
N GLU A 64 8.29 9.93 -1.15
CA GLU A 64 8.23 8.88 -2.16
C GLU A 64 7.59 7.62 -1.60
N PHE A 65 7.94 7.26 -0.36
CA PHE A 65 7.33 6.11 0.29
C PHE A 65 5.83 6.30 0.41
N ALA A 66 5.41 7.49 0.85
CA ALA A 66 3.99 7.76 0.98
C ALA A 66 3.27 7.73 -0.36
N ALA A 67 3.95 8.14 -1.44
CA ALA A 67 3.34 8.08 -2.75
C ALA A 67 3.00 6.65 -3.14
N ASP A 68 3.91 5.71 -2.87
CA ASP A 68 3.62 4.30 -3.14
C ASP A 68 2.47 3.79 -2.28
N ALA A 69 2.47 4.14 -0.98
CA ALA A 69 1.42 3.67 -0.10
C ALA A 69 0.06 4.18 -0.57
N LEU A 70 -0.03 5.47 -0.89
CA LEU A 70 -1.29 6.00 -1.37
C LEU A 70 -1.71 5.38 -2.69
N LEU A 71 -0.74 4.98 -3.51
CA LEU A 71 -1.05 4.29 -4.76
C LEU A 71 -1.72 2.95 -4.51
N VAL A 72 -1.25 2.21 -3.49
CA VAL A 72 -1.92 0.95 -3.14
C VAL A 72 -3.42 1.19 -2.95
N PHE A 73 -3.78 2.25 -2.21
CA PHE A 73 -5.18 2.44 -1.86
C PHE A 73 -5.97 3.16 -2.94
N ASP A 74 -5.32 4.04 -3.73
CA ASP A 74 -5.99 4.57 -4.92
C ASP A 74 -6.32 3.47 -5.91
N ASN A 75 -5.39 2.54 -6.14
CA ASN A 75 -5.69 1.39 -7.00
C ASN A 75 -6.84 0.59 -6.44
N CYS A 76 -6.81 0.31 -5.14
CA CYS A 76 -7.86 -0.48 -4.51
C CYS A 76 -9.23 0.17 -4.71
N GLN A 77 -9.31 1.47 -4.50
CA GLN A 77 -10.59 2.16 -4.67
C GLN A 77 -10.99 2.28 -6.13
N THR A 78 -10.02 2.29 -7.04
CA THR A 78 -10.35 2.33 -8.47
C THR A 78 -10.98 1.03 -8.91
N PHE A 79 -10.43 -0.09 -8.48
CA PHE A 79 -10.89 -1.37 -9.02
C PHE A 79 -12.03 -2.00 -8.23
N ASN A 80 -12.09 -1.79 -6.92
CA ASN A 80 -13.03 -2.50 -6.05
C ASN A 80 -14.12 -1.57 -5.53
N GLU A 81 -15.36 -2.06 -5.55
CA GLU A 81 -16.46 -1.39 -4.89
C GLU A 81 -16.15 -1.16 -3.42
N ASP A 82 -16.65 -0.06 -2.88
CA ASP A 82 -16.41 0.28 -1.48
C ASP A 82 -16.99 -0.77 -0.52
N ASP A 83 -18.01 -1.53 -0.94
CA ASP A 83 -18.58 -2.56 -0.07
C ASP A 83 -18.08 -3.97 -0.40
N SER A 84 -17.10 -4.10 -1.29
CA SER A 84 -16.51 -5.40 -1.54
C SER A 84 -15.57 -5.78 -0.40
N GLU A 85 -15.20 -7.05 -0.34
CA GLU A 85 -14.29 -7.52 0.70
C GLU A 85 -12.95 -6.80 0.59
N VAL A 86 -12.38 -6.74 -0.61
CA VAL A 86 -11.12 -6.05 -0.79
C VAL A 86 -11.30 -4.57 -0.55
N GLY A 87 -12.39 -3.99 -1.06
CA GLY A 87 -12.62 -2.56 -0.84
C GLY A 87 -12.68 -2.20 0.63
N LYS A 88 -13.42 -2.99 1.43
CA LYS A 88 -13.54 -2.71 2.86
C LYS A 88 -12.18 -2.85 3.56
N ALA A 89 -11.36 -3.81 3.14
CA ALA A 89 -10.06 -3.96 3.76
C ALA A 89 -9.17 -2.77 3.42
N GLY A 90 -9.26 -2.28 2.18
CA GLY A 90 -8.42 -1.17 1.78
C GLY A 90 -8.81 0.14 2.44
N HIS A 91 -10.09 0.31 2.73
CA HIS A 91 -10.47 1.49 3.50
C HIS A 91 -9.89 1.45 4.92
N ILE A 92 -9.90 0.27 5.55
CA ILE A 92 -9.28 0.13 6.86
C ILE A 92 -7.78 0.43 6.77
N MET A 93 -7.10 -0.16 5.78
CA MET A 93 -5.66 0.03 5.67
C MET A 93 -5.32 1.46 5.30
N ARG A 94 -6.12 2.08 4.41
CA ARG A 94 -5.89 3.47 4.05
C ARG A 94 -6.04 4.39 5.26
N ARG A 95 -7.13 4.23 6.04
CA ARG A 95 -7.27 5.05 7.23
C ARG A 95 -6.14 4.80 8.24
N PHE A 96 -5.69 3.54 8.34
CA PHE A 96 -4.54 3.25 9.20
C PHE A 96 -3.30 3.99 8.74
N PHE A 97 -2.99 3.90 7.44
CA PHE A 97 -1.81 4.60 6.93
C PHE A 97 -1.92 6.10 7.16
N GLU A 98 -3.06 6.70 6.78
CA GLU A 98 -3.23 8.13 6.97
C GLU A 98 -3.07 8.51 8.43
N SER A 99 -3.61 7.68 9.33
CA SER A 99 -3.52 8.00 10.76
C SER A 99 -2.08 7.94 11.25
N ARG A 100 -1.37 6.85 10.95
CA ARG A 100 0.01 6.72 11.42
C ARG A 100 0.92 7.73 10.76
N TRP A 101 0.67 8.06 9.48
CA TRP A 101 1.53 9.02 8.79
C TRP A 101 1.49 10.37 9.48
N GLU A 102 0.30 10.88 9.78
CA GLU A 102 0.22 12.23 10.30
C GLU A 102 0.64 12.32 11.76
N GLU A 103 0.65 11.21 12.50
CA GLU A 103 1.23 11.25 13.84
C GLU A 103 2.73 11.01 13.81
N PHE A 104 3.34 11.05 12.63
CA PHE A 104 4.78 11.21 12.49
C PHE A 104 5.18 12.52 11.82
N TYR A 105 4.27 13.16 11.10
CA TYR A 105 4.54 14.42 10.39
C TYR A 105 3.40 15.42 10.55
#